data_2O7W
#
_entry.id   2O7W
#
loop_
_entity.id
_entity.type
_entity.pdbx_description
1 polymer "5'-D(*CP*CP*AP*AP*AP*GP*(ORP)P*AP*CP*CP*GP*GP*G)-3'"
2 polymer "5'-D(*CP*CP*CP*GP*GP*TP*GP*CP*TP*TP*TP*GP*G)-3'"
#
loop_
_entity_poly.entity_id
_entity_poly.type
_entity_poly.pdbx_seq_one_letter_code
_entity_poly.pdbx_strand_id
1 'polydeoxyribonucleotide' (DC)(DC)(DA)(DA)(DA)(DG)(ORP)(DA)(DC)(DC)(DG)(DG)(DG) A
2 'polydeoxyribonucleotide' (DC)(DC)(DC)(DG)(DG)(DT)(DG)(DC)(DT)(DT)(DT)(DG)(DG) B
#
loop_
_chem_comp.id
_chem_comp.type
_chem_comp.name
_chem_comp.formula
DA DNA linking 2'-DEOXYADENOSINE-5'-MONOPHOSPHATE 'C10 H14 N5 O6 P'
DC DNA linking 2'-DEOXYCYTIDINE-5'-MONOPHOSPHATE 'C9 H14 N3 O7 P'
DG DNA linking 2'-DEOXYGUANOSINE-5'-MONOPHOSPHATE 'C10 H14 N5 O7 P'
DT DNA linking THYMIDINE-5'-MONOPHOSPHATE 'C10 H15 N2 O8 P'
ORP saccharide 2-DEOXY-5-PHOSPHONO-RIBOSE 'C5 H11 O7 P'
#
# COMPACT_ATOMS: atom_id res chain seq x y z
C1 ORP A 7 -1.15 1.27 -1.52
O1 ORP A 7 -1.09 1.99 -2.76
C2 ORP A 7 -0.41 2.11 -0.49
C3 ORP A 7 0.05 1.05 0.52
O3 ORP A 7 1.11 1.41 1.36
C4 ORP A 7 0.43 0.00 -0.46
O4 ORP A 7 -0.48 -0.01 -1.52
C5 ORP A 7 0.55 -1.44 0.05
O5 ORP A 7 -0.53 -1.92 0.85
P ORP A 7 -0.48 -3.23 1.78
O1P ORP A 7 -1.81 -3.55 2.32
O2P ORP A 7 0.63 -3.18 2.76
H1 ORP A 7 -2.25 1.10 -1.31
HO1 ORP A 7 -1.94 1.65 -3.16
H21 ORP A 7 -1.23 2.89 -0.09
H22 ORP A 7 0.49 2.51 -1.02
H3 ORP A 7 -0.79 0.67 1.06
H4 ORP A 7 1.39 0.27 -0.83
H51 ORP A 7 0.64 -2.14 -0.80
H52 ORP A 7 1.53 -1.58 0.60
C1 ORP A 7 -1.50 1.43 -1.60
O1 ORP A 7 -1.73 1.96 -2.89
C2 ORP A 7 -0.55 2.34 -0.67
C3 ORP A 7 -0.08 1.26 0.29
O3 ORP A 7 1.12 1.67 0.93
C4 ORP A 7 0.16 0.13 -0.75
O4 ORP A 7 -1.01 0.20 -1.58
C5 ORP A 7 0.45 -1.29 -0.18
O5 ORP A 7 -0.66 -1.83 0.51
P ORP A 7 -0.50 -3.04 1.56
O1P ORP A 7 -1.86 -3.28 2.11
O2P ORP A 7 0.64 -2.70 2.47
H1 ORP A 7 -2.47 1.43 -1.06
HO1 ORP A 7 -2.64 2.35 -2.90
H21 ORP A 7 -1.25 3.10 -0.06
H22 ORP A 7 0.24 2.65 -1.38
H3 ORP A 7 -0.78 0.99 1.08
H4 ORP A 7 1.03 0.40 -1.35
H51 ORP A 7 0.71 -1.95 -1.02
H52 ORP A 7 1.30 -1.15 0.47
C1 ORP A 7 -1.67 0.97 -1.26
O1 ORP A 7 -2.24 1.56 -2.43
C2 ORP A 7 -0.99 2.14 -0.48
C3 ORP A 7 -0.10 1.25 0.31
O3 ORP A 7 1.09 1.98 0.70
C4 ORP A 7 0.33 0.15 -0.67
O4 ORP A 7 -0.69 0.08 -1.61
C5 ORP A 7 0.61 -1.20 -0.07
O5 ORP A 7 -0.52 -1.78 0.61
P ORP A 7 -0.46 -3.02 1.58
O1P ORP A 7 -1.81 -3.23 2.15
O2P ORP A 7 0.68 -2.91 2.54
H1 ORP A 7 -2.46 0.54 -0.63
HO1 ORP A 7 -2.87 0.95 -2.76
H21 ORP A 7 -1.77 2.74 0.04
H22 ORP A 7 -0.27 2.61 -1.37
H3 ORP A 7 -0.60 0.73 1.15
H4 ORP A 7 1.18 0.47 -1.24
H51 ORP A 7 1.05 -1.86 -0.81
H52 ORP A 7 1.37 -1.01 0.67
C1 ORP A 7 -1.51 0.85 -1.18
O1 ORP A 7 -2.12 1.38 -2.40
C2 ORP A 7 -0.84 1.96 -0.36
C3 ORP A 7 0.08 1.06 0.56
O3 ORP A 7 1.18 1.92 1.04
C4 ORP A 7 0.50 -0.01 -0.46
O4 ORP A 7 -0.51 0.00 -1.50
C5 ORP A 7 0.75 -1.34 0.30
O5 ORP A 7 -0.46 -1.82 0.87
P ORP A 7 -0.50 -3.15 1.67
O1P ORP A 7 -1.87 -3.52 2.03
O2P ORP A 7 0.57 -3.09 2.68
H1 ORP A 7 -2.32 0.33 -0.63
HO1 ORP A 7 -2.24 0.55 -2.96
H21 ORP A 7 -1.71 2.49 0.19
H22 ORP A 7 -0.20 2.59 -1.06
H3 ORP A 7 -0.37 0.56 1.39
H4 ORP A 7 1.41 0.35 -0.91
H51 ORP A 7 1.13 -2.04 -0.44
H52 ORP A 7 1.54 -1.30 1.05
C1 ORP A 7 -1.01 1.24 -1.20
O1 ORP A 7 -1.17 1.88 -2.40
C2 ORP A 7 -0.44 2.25 -0.10
C3 ORP A 7 0.09 1.20 0.85
O3 ORP A 7 1.14 1.61 1.74
C4 ORP A 7 0.71 0.21 -0.15
O4 ORP A 7 -0.04 0.24 -1.34
C5 ORP A 7 0.91 -1.26 0.26
O5 ORP A 7 -0.31 -1.89 0.81
P ORP A 7 -0.32 -3.35 1.54
O1P ORP A 7 -1.69 -3.58 2.09
O2P ORP A 7 0.87 -3.54 2.41
H1 ORP A 7 -1.97 0.77 -0.78
HO1 ORP A 7 -1.42 1.16 -3.02
H21 ORP A 7 -1.24 2.84 0.33
H22 ORP A 7 0.47 2.69 -0.60
H3 ORP A 7 -0.68 0.70 1.39
H4 ORP A 7 1.64 0.63 -0.45
H51 ORP A 7 1.19 -1.79 -0.67
H52 ORP A 7 1.76 -1.24 0.98
C1 ORP A 7 -0.25 1.49 -1.37
O1 ORP A 7 -0.32 2.09 -2.63
C2 ORP A 7 0.32 2.33 -0.17
C3 ORP A 7 0.50 1.21 0.88
O3 ORP A 7 1.30 1.64 1.91
C4 ORP A 7 1.19 0.19 0.01
O4 ORP A 7 0.58 0.32 -1.31
C5 ORP A 7 1.24 -1.32 0.47
O5 ORP A 7 -0.02 -1.88 0.82
P ORP A 7 -0.14 -3.38 1.41
O1P ORP A 7 -1.49 -3.43 1.98
O2P ORP A 7 1.01 -3.72 2.25
H1 ORP A 7 -1.22 1.10 -1.11
HO1 ORP A 7 0.25 1.65 -3.25
H21 ORP A 7 -0.50 2.97 0.18
H22 ORP A 7 1.37 2.67 -0.63
H3 ORP A 7 -0.42 0.79 1.27
H4 ORP A 7 2.21 0.52 -0.02
H51 ORP A 7 1.81 -1.97 -0.18
H52 ORP A 7 1.87 -1.40 1.35
C1 ORP A 7 0.19 1.04 -1.56
O1 ORP A 7 0.25 2.00 -2.61
C2 ORP A 7 0.23 2.00 -0.39
C3 ORP A 7 0.65 1.00 0.70
O3 ORP A 7 1.34 1.50 1.79
C4 ORP A 7 1.51 0.01 -0.09
O4 ORP A 7 1.33 0.23 -1.48
C5 ORP A 7 1.40 -1.47 0.38
O5 ORP A 7 0.07 -2.06 0.42
P ORP A 7 -0.22 -3.42 1.30
O1P ORP A 7 -1.55 -3.36 2.00
O2P ORP A 7 0.95 -3.72 2.20
H1 ORP A 7 -0.64 0.39 -1.66
HO1 ORP A 7 0.25 1.37 -3.38
H21 ORP A 7 -0.87 2.43 -0.13
H22 ORP A 7 1.11 2.67 -0.56
H3 ORP A 7 -0.17 0.44 1.19
H4 ORP A 7 2.51 0.34 0.06
H51 ORP A 7 2.02 -2.05 -0.27
H52 ORP A 7 1.70 -1.41 1.37
C1 ORP A 7 -0.34 0.78 -1.58
O1 ORP A 7 -0.51 1.36 -2.87
C2 ORP A 7 0.03 1.80 -0.46
C3 ORP A 7 0.74 0.94 0.60
O3 ORP A 7 1.69 1.75 1.33
C4 ORP A 7 1.44 -0.08 -0.32
O4 ORP A 7 0.70 -0.15 -1.51
C5 ORP A 7 1.37 -1.51 0.38
O5 ORP A 7 0.05 -1.85 0.81
P ORP A 7 -0.25 -3.19 1.63
O1P ORP A 7 -1.58 -3.07 2.30
O2P ORP A 7 0.98 -3.42 2.41
H1 ORP A 7 -1.25 0.33 -1.32
HO1 ORP A 7 0.02 0.85 -3.51
H21 ORP A 7 -0.95 2.34 -0.05
H22 ORP A 7 0.98 2.40 -0.89
H3 ORP A 7 0.06 0.37 1.25
H4 ORP A 7 2.46 0.16 -0.56
H51 ORP A 7 1.75 -2.30 -0.27
H52 ORP A 7 2.00 -1.51 1.23
C1 ORP A 7 -0.88 0.83 -1.29
O1 ORP A 7 -1.26 1.55 -2.50
C2 ORP A 7 -0.46 1.91 -0.26
C3 ORP A 7 0.51 1.09 0.61
O3 ORP A 7 1.70 1.79 1.15
C4 ORP A 7 0.99 0.01 -0.40
O4 ORP A 7 0.26 0.14 -1.64
C5 ORP A 7 0.87 -1.38 0.10
O5 ORP A 7 -0.37 -1.65 0.72
P ORP A 7 -0.63 -3.01 1.52
O1P ORP A 7 -2.06 -3.09 1.89
O2P ORP A 7 0.33 -3.24 2.60
H1 ORP A 7 -1.57 0.12 -0.92
HO1 ORP A 7 -1.48 0.87 -3.12
H21 ORP A 7 -1.43 2.22 0.25
H22 ORP A 7 0.17 2.67 -0.75
H3 ORP A 7 -0.03 0.60 1.45
H4 ORP A 7 2.08 0.13 -0.65
H51 ORP A 7 1.06 -2.12 -0.74
H52 ORP A 7 1.73 -1.55 0.78
C1 ORP A 7 -1.21 1.15 -1.11
O1 ORP A 7 -2.02 1.82 -2.10
C2 ORP A 7 -0.61 2.11 -0.10
C3 ORP A 7 0.39 1.21 0.63
O3 ORP A 7 1.58 1.92 1.11
C4 ORP A 7 0.78 0.22 -0.49
O4 ORP A 7 -0.07 0.52 -1.60
C5 ORP A 7 0.72 -1.23 0.00
O5 ORP A 7 -0.53 -1.60 0.55
P ORP A 7 -0.73 -2.92 1.36
O1P ORP A 7 -2.19 -2.93 1.71
O2P ORP A 7 0.29 -2.89 2.46
H1 ORP A 7 -1.89 0.41 -0.69
HO1 ORP A 7 -2.48 1.09 -2.61
H21 ORP A 7 -1.41 2.44 0.61
H22 ORP A 7 -0.02 2.81 -0.80
H3 ORP A 7 -0.10 0.69 1.42
H4 ORP A 7 1.80 0.57 -0.77
H51 ORP A 7 0.89 -1.82 -0.93
H52 ORP A 7 1.56 -1.40 0.70
C1 ORP A 7 -0.64 0.99 -0.56
O1 ORP A 7 -1.16 1.62 -1.70
C2 ORP A 7 -0.07 2.05 0.36
C3 ORP A 7 0.81 1.19 1.25
O3 ORP A 7 1.86 1.93 1.86
C4 ORP A 7 1.33 0.16 0.24
O4 ORP A 7 0.45 0.14 -0.87
C5 ORP A 7 1.52 -1.24 0.85
O5 ORP A 7 0.34 -1.75 1.47
P ORP A 7 0.35 -3.20 2.16
O1P ORP A 7 -0.97 -3.43 2.79
O2P ORP A 7 1.55 -3.31 3.03
H1 ORP A 7 -1.40 0.42 -0.04
HO1 ORP A 7 -1.48 0.92 -2.29
H21 ORP A 7 -0.86 2.55 0.92
H22 ORP A 7 0.54 2.75 -0.21
H3 ORP A 7 0.19 0.69 2.01
H4 ORP A 7 2.30 0.51 -0.11
H51 ORP A 7 1.84 -1.92 0.05
H52 ORP A 7 2.31 -1.18 1.58
#